data_7P2M
#
_entry.id   7P2M
#
_cell.length_a   76.647
_cell.length_b   50.330
_cell.length_c   52.697
_cell.angle_alpha   90.000
_cell.angle_beta   102.250
_cell.angle_gamma   90.000
#
_symmetry.space_group_name_H-M   'C 1 2 1'
#
loop_
_entity.id
_entity.type
_entity.pdbx_description
1 polymer 'DNA gyrase subunit B'
2 non-polymer 'PHOSPHATE ION'
3 non-polymer '2-[[3,4-bis(chloranyl)-5-methyl-1~{H}-pyrrol-2-yl]carbonylamino]-4-phenylmethoxy-1,3-benzothiazole-6-carboxylic acid'
4 water water
#
_entity_poly.entity_id   1
_entity_poly.type   'polypeptide(L)'
_entity_poly.pdbx_seq_one_letter_code
;MSNSYDSSSIKVLKGLDAVRKRPGMYIGDTDDGTGLHHMVFEVVDNAIDEALAGHCKEIIVTIHADNSVSVQDDGRGIPT
GIHPEEGVSAAEVIMTVLHAGGKFDDNSYKVSGGLHGVGVSVVNALSQKLELVIQREGKIHRQIYEHGVPQAPLAVTGET
EKTGTMVRFWPSLETFTNVTEFEYEILAKRLRELSFLNSGVSIRLRDKRDGKEDHFHYEG
;
_entity_poly.pdbx_strand_id   A
#
# COMPACT_ATOMS: atom_id res chain seq x y z
N SER A 8 -4.56 9.87 21.47
CA SER A 8 -4.19 9.67 20.04
C SER A 8 -4.45 8.20 19.66
N SER A 9 -3.95 7.26 20.47
CA SER A 9 -4.13 5.80 20.26
C SER A 9 -5.62 5.43 20.20
N ILE A 10 -6.43 5.97 21.11
CA ILE A 10 -7.90 5.67 21.16
C ILE A 10 -8.58 6.20 19.89
N LYS A 11 -8.22 7.40 19.45
CA LYS A 11 -8.80 8.04 18.23
C LYS A 11 -8.40 7.22 17.00
N VAL A 12 -7.15 6.75 16.92
CA VAL A 12 -6.64 5.94 15.77
C VAL A 12 -7.46 4.64 15.71
N LEU A 13 -7.63 3.94 16.82
CA LEU A 13 -8.36 2.66 16.82
C LEU A 13 -9.81 2.94 16.40
N LYS A 14 -10.41 4.04 16.84
CA LYS A 14 -11.80 4.37 16.47
C LYS A 14 -11.88 4.66 14.97
N GLY A 15 -10.89 5.38 14.42
CA GLY A 15 -10.89 5.67 12.98
C GLY A 15 -10.77 4.40 12.16
N LEU A 16 -9.87 3.50 12.55
CA LEU A 16 -9.72 2.20 11.87
C LEU A 16 -11.08 1.50 11.92
N ASP A 17 -11.72 1.51 13.10
N ASP A 17 -11.70 1.51 13.11
CA ASP A 17 -13.02 0.83 13.30
CA ASP A 17 -13.04 0.90 13.35
C ASP A 17 -14.09 1.45 12.38
C ASP A 17 -14.04 1.45 12.33
N ALA A 18 -14.09 2.77 12.21
CA ALA A 18 -15.04 3.49 11.33
C ALA A 18 -14.94 2.95 9.90
N VAL A 19 -13.72 2.71 9.44
CA VAL A 19 -13.49 2.20 8.07
C VAL A 19 -14.00 0.77 7.97
N ARG A 20 -13.73 -0.05 8.99
CA ARG A 20 -14.17 -1.45 8.95
C ARG A 20 -15.71 -1.53 9.04
N LYS A 21 -16.34 -0.57 9.69
CA LYS A 21 -17.81 -0.58 9.91
C LYS A 21 -18.53 -0.24 8.60
N ARG A 22 -17.94 0.62 7.77
CA ARG A 22 -18.56 1.08 6.50
C ARG A 22 -17.54 1.01 5.37
N PRO A 23 -16.97 -0.19 5.07
CA PRO A 23 -15.82 -0.32 4.18
C PRO A 23 -16.10 0.03 2.72
N GLY A 24 -17.25 -0.41 2.19
CA GLY A 24 -17.68 -0.07 0.81
C GLY A 24 -17.69 1.43 0.58
N MET A 25 -18.06 2.22 1.59
CA MET A 25 -18.11 3.70 1.56
C MET A 25 -16.71 4.30 1.35
N TYR A 26 -15.66 3.68 1.91
CA TYR A 26 -14.26 4.18 1.82
C TYR A 26 -13.54 3.59 0.60
N ILE A 27 -13.80 2.33 0.23
CA ILE A 27 -12.94 1.62 -0.76
C ILE A 27 -13.73 1.14 -1.98
N GLY A 28 -15.06 1.11 -1.90
CA GLY A 28 -15.87 0.56 -2.99
C GLY A 28 -16.40 -0.82 -2.65
N ASP A 29 -17.28 -1.33 -3.49
CA ASP A 29 -18.06 -2.57 -3.24
C ASP A 29 -17.14 -3.71 -2.79
N THR A 30 -17.44 -4.29 -1.62
CA THR A 30 -16.59 -5.32 -0.98
C THR A 30 -16.97 -6.74 -1.40
N ASP A 31 -17.93 -6.92 -2.32
CA ASP A 31 -18.39 -8.28 -2.72
C ASP A 31 -18.13 -8.56 -4.21
N ASP A 32 -18.00 -7.52 -5.06
CA ASP A 32 -17.92 -7.72 -6.53
C ASP A 32 -16.49 -7.53 -7.04
N GLY A 33 -15.51 -7.41 -6.13
CA GLY A 33 -14.08 -7.28 -6.48
C GLY A 33 -13.64 -5.84 -6.73
N THR A 34 -14.57 -4.90 -6.76
CA THR A 34 -14.27 -3.46 -7.02
C THR A 34 -13.40 -2.93 -5.87
N GLY A 35 -13.90 -3.03 -4.65
CA GLY A 35 -13.12 -2.62 -3.46
C GLY A 35 -11.79 -3.35 -3.36
N LEU A 36 -11.77 -4.65 -3.63
CA LEU A 36 -10.53 -5.45 -3.52
C LEU A 36 -9.46 -4.82 -4.42
N HIS A 37 -9.81 -4.52 -5.67
CA HIS A 37 -8.82 -3.99 -6.65
C HIS A 37 -8.53 -2.53 -6.31
N HIS A 38 -9.50 -1.77 -5.82
CA HIS A 38 -9.26 -0.37 -5.39
C HIS A 38 -8.21 -0.34 -4.26
N MET A 39 -8.10 -1.40 -3.45
CA MET A 39 -7.04 -1.43 -2.41
C MET A 39 -5.67 -1.26 -3.09
N VAL A 40 -5.45 -2.01 -4.16
CA VAL A 40 -4.18 -1.89 -4.90
C VAL A 40 -4.08 -0.49 -5.51
N PHE A 41 -5.14 -0.01 -6.13
CA PHE A 41 -5.08 1.29 -6.81
C PHE A 41 -4.79 2.42 -5.84
N GLU A 42 -5.27 2.33 -4.59
CA GLU A 42 -4.97 3.40 -3.63
C GLU A 42 -3.46 3.39 -3.34
N VAL A 43 -2.89 2.22 -3.08
CA VAL A 43 -1.44 2.18 -2.79
C VAL A 43 -0.67 2.70 -4.01
N VAL A 44 -1.00 2.22 -5.18
CA VAL A 44 -0.32 2.67 -6.42
C VAL A 44 -0.48 4.19 -6.59
N ASP A 45 -1.65 4.73 -6.29
CA ASP A 45 -1.87 6.16 -6.42
C ASP A 45 -0.89 6.96 -5.59
N ASN A 46 -0.54 6.47 -4.40
CA ASN A 46 0.45 7.18 -3.54
C ASN A 46 1.83 7.15 -4.19
N ALA A 47 2.19 6.04 -4.83
CA ALA A 47 3.45 5.94 -5.55
C ALA A 47 3.41 6.88 -6.78
N ILE A 48 2.27 6.94 -7.48
CA ILE A 48 2.12 7.87 -8.63
C ILE A 48 2.29 9.30 -8.13
N ASP A 49 1.70 9.66 -7.00
CA ASP A 49 1.85 11.03 -6.43
C ASP A 49 3.35 11.32 -6.22
N GLU A 50 4.11 10.35 -5.77
CA GLU A 50 5.56 10.51 -5.56
C GLU A 50 6.28 10.72 -6.91
N ALA A 51 5.79 10.12 -7.99
CA ALA A 51 6.30 10.35 -9.37
C ALA A 51 5.93 11.76 -9.85
N LEU A 52 4.68 12.17 -9.63
CA LEU A 52 4.19 13.52 -10.00
C LEU A 52 5.03 14.58 -9.31
N ALA A 53 5.49 14.34 -8.10
CA ALA A 53 6.28 15.32 -7.34
C ALA A 53 7.75 15.32 -7.79
N GLY A 54 8.13 14.40 -8.67
CA GLY A 54 9.46 14.37 -9.31
C GLY A 54 10.46 13.46 -8.62
N HIS A 55 10.01 12.53 -7.78
CA HIS A 55 10.94 11.69 -6.97
C HIS A 55 10.95 10.23 -7.40
N CYS A 56 9.82 9.70 -7.77
CA CYS A 56 9.70 8.28 -8.14
C CYS A 56 9.82 8.14 -9.66
N LYS A 57 10.63 7.20 -10.11
CA LYS A 57 10.79 6.81 -11.53
C LYS A 57 10.27 5.41 -11.83
N GLU A 58 10.21 4.53 -10.84
CA GLU A 58 9.78 3.14 -11.09
C GLU A 58 8.89 2.64 -9.96
N ILE A 59 7.83 1.97 -10.36
CA ILE A 59 6.85 1.36 -9.44
C ILE A 59 6.75 -0.10 -9.81
N ILE A 60 6.88 -0.99 -8.82
CA ILE A 60 6.78 -2.44 -9.06
C ILE A 60 5.57 -2.94 -8.28
N VAL A 61 4.61 -3.49 -8.97
CA VAL A 61 3.40 -4.09 -8.34
C VAL A 61 3.49 -5.59 -8.50
N THR A 62 3.41 -6.30 -7.37
CA THR A 62 3.58 -7.76 -7.37
C THR A 62 2.36 -8.40 -6.73
N ILE A 63 1.75 -9.33 -7.46
CA ILE A 63 0.74 -10.22 -6.87
C ILE A 63 1.51 -11.43 -6.35
N HIS A 64 1.58 -11.55 -5.03
CA HIS A 64 2.33 -12.66 -4.40
C HIS A 64 1.52 -13.95 -4.53
N ALA A 65 2.20 -15.07 -4.32
CA ALA A 65 1.58 -16.40 -4.49
C ALA A 65 0.46 -16.62 -3.49
N ASP A 66 0.45 -15.87 -2.39
CA ASP A 66 -0.57 -15.98 -1.32
C ASP A 66 -1.67 -14.92 -1.47
N ASN A 67 -1.75 -14.27 -2.63
N ASN A 67 -1.80 -14.29 -2.66
CA ASN A 67 -2.87 -13.35 -2.95
CA ASN A 67 -2.84 -13.28 -2.96
C ASN A 67 -2.70 -12.02 -2.19
C ASN A 67 -2.77 -12.13 -1.94
N SER A 68 -1.56 -11.77 -1.55
CA SER A 68 -1.21 -10.42 -1.09
C SER A 68 -0.67 -9.64 -2.30
N VAL A 69 -0.68 -8.33 -2.20
CA VAL A 69 -0.09 -7.47 -3.23
C VAL A 69 0.92 -6.53 -2.58
N SER A 70 2.06 -6.37 -3.25
CA SER A 70 3.00 -5.33 -2.86
C SER A 70 3.13 -4.28 -3.94
N VAL A 71 3.41 -3.08 -3.45
CA VAL A 71 3.75 -1.93 -4.33
C VAL A 71 5.07 -1.39 -3.80
N GLN A 72 6.08 -1.34 -4.66
CA GLN A 72 7.40 -0.79 -4.32
CA GLN A 72 7.38 -0.75 -4.30
C GLN A 72 7.64 0.44 -5.19
N ASP A 73 8.01 1.56 -4.60
CA ASP A 73 8.46 2.72 -5.37
C ASP A 73 9.89 3.03 -5.02
N ASP A 74 10.49 3.88 -5.84
CA ASP A 74 11.87 4.39 -5.63
C ASP A 74 11.82 5.89 -5.34
N GLY A 75 10.77 6.35 -4.68
CA GLY A 75 10.65 7.74 -4.25
C GLY A 75 11.44 8.04 -2.99
N ARG A 76 11.05 9.10 -2.29
CA ARG A 76 11.82 9.63 -1.15
C ARG A 76 11.78 8.68 0.06
N GLY A 77 10.78 7.80 0.16
CA GLY A 77 10.50 7.06 1.39
C GLY A 77 9.60 7.90 2.28
N ILE A 78 8.59 7.26 2.85
CA ILE A 78 7.73 7.96 3.82
C ILE A 78 8.63 8.40 4.98
N PRO A 79 8.49 9.65 5.49
CA PRO A 79 9.29 10.06 6.65
C PRO A 79 9.14 9.15 7.87
N THR A 80 10.25 8.99 8.54
CA THR A 80 10.37 8.01 9.64
C THR A 80 10.53 8.67 11.01
N GLY A 81 10.90 9.94 11.07
CA GLY A 81 11.14 10.60 12.36
C GLY A 81 9.90 10.66 13.20
N ILE A 82 10.09 10.76 14.51
CA ILE A 82 8.96 10.82 15.46
C ILE A 82 8.13 12.06 15.16
N HIS A 83 6.82 11.90 15.08
CA HIS A 83 5.84 13.01 14.92
C HIS A 83 5.46 13.41 16.35
N PRO A 84 5.73 14.65 16.79
CA PRO A 84 5.62 15.00 18.20
C PRO A 84 4.26 14.78 18.85
N GLU A 85 3.16 15.08 18.16
CA GLU A 85 1.80 15.03 18.76
C GLU A 85 1.52 13.59 19.21
N GLU A 86 1.85 12.60 18.37
CA GLU A 86 1.47 11.20 18.61
C GLU A 86 2.60 10.44 19.30
N GLY A 87 3.84 10.91 19.22
CA GLY A 87 5.00 10.24 19.85
C GLY A 87 5.41 8.96 19.13
N VAL A 88 5.01 8.80 17.87
CA VAL A 88 5.37 7.64 17.03
C VAL A 88 5.86 8.17 15.69
N SER A 89 6.53 7.30 14.95
CA SER A 89 7.06 7.65 13.62
C SER A 89 5.99 8.33 12.76
N ALA A 90 6.42 9.29 11.94
CA ALA A 90 5.53 9.94 10.96
C ALA A 90 4.88 8.85 10.07
N ALA A 91 5.66 7.85 9.69
CA ALA A 91 5.15 6.75 8.83
C ALA A 91 3.95 6.09 9.49
N GLU A 92 4.09 5.77 10.80
CA GLU A 92 2.97 5.13 11.50
C GLU A 92 1.74 6.03 11.53
N VAL A 93 1.93 7.32 11.75
CA VAL A 93 0.78 8.27 11.71
C VAL A 93 0.10 8.19 10.33
N ILE A 94 0.88 8.26 9.25
CA ILE A 94 0.32 8.22 7.89
C ILE A 94 -0.42 6.91 7.65
N MET A 95 0.09 5.82 8.20
CA MET A 95 -0.49 4.49 7.95
C MET A 95 -1.75 4.29 8.78
N THR A 96 -1.98 5.08 9.83
CA THR A 96 -3.06 4.76 10.79
C THR A 96 -4.09 5.85 11.01
N VAL A 97 -3.77 7.10 10.72
CA VAL A 97 -4.72 8.23 10.94
C VAL A 97 -5.47 8.48 9.63
N LEU A 98 -6.79 8.48 9.66
CA LEU A 98 -7.61 8.70 8.43
CA LEU A 98 -7.63 8.71 8.44
C LEU A 98 -7.27 10.06 7.82
N GLY A 117 -8.68 9.44 -3.63
CA GLY A 117 -7.56 9.56 -2.66
C GLY A 117 -8.01 9.36 -1.23
N VAL A 118 -8.31 8.11 -0.84
CA VAL A 118 -8.94 7.82 0.47
C VAL A 118 -7.86 7.69 1.55
N GLY A 119 -6.61 7.54 1.13
CA GLY A 119 -5.43 7.48 2.00
C GLY A 119 -5.07 6.03 2.25
N VAL A 120 -3.78 5.79 2.38
CA VAL A 120 -3.27 4.41 2.60
C VAL A 120 -3.78 3.85 3.93
N SER A 121 -4.18 4.69 4.87
CA SER A 121 -4.68 4.20 6.16
C SER A 121 -5.95 3.38 5.94
N VAL A 122 -6.74 3.67 4.90
CA VAL A 122 -7.93 2.85 4.61
C VAL A 122 -7.49 1.44 4.22
N VAL A 123 -6.47 1.35 3.38
CA VAL A 123 -5.95 0.02 2.97
C VAL A 123 -5.46 -0.73 4.20
N ASN A 124 -4.74 -0.05 5.07
CA ASN A 124 -4.26 -0.68 6.33
C ASN A 124 -5.44 -1.16 7.17
N ALA A 125 -6.45 -0.33 7.35
CA ALA A 125 -7.62 -0.67 8.17
C ALA A 125 -8.28 -1.95 7.66
N LEU A 126 -8.30 -2.14 6.34
CA LEU A 126 -9.03 -3.25 5.68
C LEU A 126 -8.10 -4.41 5.32
N SER A 127 -6.90 -4.41 5.89
CA SER A 127 -5.93 -5.50 5.67
C SER A 127 -5.76 -6.33 6.95
N GLN A 128 -5.88 -7.63 6.81
CA GLN A 128 -5.54 -8.57 7.91
CA GLN A 128 -5.58 -8.51 7.99
C GLN A 128 -4.10 -8.38 8.35
N LYS A 129 -3.21 -8.12 7.39
CA LYS A 129 -1.80 -7.86 7.69
C LYS A 129 -1.33 -6.83 6.66
N LEU A 130 -0.40 -5.98 7.07
CA LEU A 130 0.27 -5.06 6.13
C LEU A 130 1.71 -4.95 6.60
N GLU A 131 2.63 -5.03 5.63
CA GLU A 131 4.07 -4.89 5.84
C GLU A 131 4.52 -3.58 5.16
N LEU A 132 5.20 -2.75 5.89
CA LEU A 132 5.78 -1.48 5.41
C LEU A 132 7.28 -1.55 5.52
N VAL A 133 7.98 -1.27 4.42
CA VAL A 133 9.44 -1.17 4.40
C VAL A 133 9.81 0.15 3.72
N ILE A 134 10.54 0.97 4.42
CA ILE A 134 10.97 2.30 3.94
C ILE A 134 12.48 2.33 3.87
N GLN A 135 12.99 2.81 2.75
CA GLN A 135 14.42 3.08 2.58
C GLN A 135 14.58 4.59 2.55
N ARG A 136 15.30 5.15 3.50
CA ARG A 136 15.36 6.63 3.63
C ARG A 136 16.52 7.01 4.53
N GLU A 137 17.23 8.04 4.14
CA GLU A 137 18.33 8.62 4.94
C GLU A 137 19.28 7.52 5.38
N GLY A 138 19.61 6.59 4.48
CA GLY A 138 20.69 5.61 4.66
C GLY A 138 20.26 4.39 5.43
N LYS A 139 18.99 4.30 5.81
CA LYS A 139 18.49 3.18 6.63
C LYS A 139 17.27 2.52 6.00
N ILE A 140 17.13 1.23 6.29
CA ILE A 140 15.92 0.45 6.01
C ILE A 140 15.12 0.42 7.31
N HIS A 141 13.83 0.64 7.21
CA HIS A 141 12.89 0.67 8.34
C HIS A 141 11.72 -0.26 8.02
N ARG A 142 11.24 -1.01 9.00
CA ARG A 142 10.15 -1.97 8.75
C ARG A 142 9.13 -1.90 9.87
N GLN A 143 7.88 -2.11 9.52
CA GLN A 143 6.79 -2.20 10.50
C GLN A 143 5.71 -3.11 9.95
N ILE A 144 5.08 -3.86 10.85
CA ILE A 144 3.98 -4.77 10.53
C ILE A 144 2.74 -4.30 11.26
N TYR A 145 1.62 -4.40 10.59
CA TYR A 145 0.29 -4.09 11.14
CA TYR A 145 0.29 -4.07 11.10
C TYR A 145 -0.62 -5.29 10.95
N GLU A 146 -1.57 -5.42 11.86
CA GLU A 146 -2.67 -6.42 11.73
C GLU A 146 -3.97 -5.69 11.93
N HIS A 147 -4.84 -5.69 10.92
CA HIS A 147 -6.12 -4.94 10.97
C HIS A 147 -5.83 -3.48 11.36
N GLY A 148 -4.72 -2.95 10.88
CA GLY A 148 -4.37 -1.54 11.11
C GLY A 148 -3.59 -1.27 12.37
N VAL A 149 -3.40 -2.29 13.24
CA VAL A 149 -2.75 -2.11 14.56
C VAL A 149 -1.28 -2.43 14.40
N PRO A 150 -0.38 -1.47 14.72
CA PRO A 150 1.03 -1.76 14.60
C PRO A 150 1.44 -2.83 15.61
N GLN A 151 2.29 -3.75 15.19
CA GLN A 151 2.78 -4.83 16.07
C GLN A 151 3.96 -4.37 16.92
N ALA A 152 4.68 -3.35 16.49
CA ALA A 152 5.83 -2.78 17.19
C ALA A 152 6.11 -1.46 16.53
N PRO A 153 6.85 -0.57 17.19
CA PRO A 153 7.23 0.68 16.55
C PRO A 153 8.07 0.40 15.30
N LEU A 154 7.96 1.30 14.32
CA LEU A 154 8.85 1.25 13.14
C LEU A 154 10.30 1.09 13.61
N ALA A 155 11.02 0.18 12.99
CA ALA A 155 12.37 -0.13 13.45
C ALA A 155 13.36 -0.19 12.29
N VAL A 156 14.60 0.12 12.61
CA VAL A 156 15.70 0.02 11.65
C VAL A 156 16.11 -1.43 11.47
N THR A 157 16.19 -1.92 10.25
CA THR A 157 16.58 -3.30 9.93
C THR A 157 17.94 -3.36 9.24
N GLY A 158 18.49 -2.22 8.81
CA GLY A 158 19.77 -2.23 8.09
C GLY A 158 20.03 -0.91 7.41
N GLU A 159 21.12 -0.91 6.66
CA GLU A 159 21.60 0.28 5.93
C GLU A 159 21.31 0.10 4.45
N THR A 160 21.11 1.22 3.79
CA THR A 160 20.85 1.21 2.35
C THR A 160 21.31 2.53 1.75
N GLU A 161 21.66 2.52 0.47
CA GLU A 161 21.88 3.78 -0.26
C GLU A 161 20.69 4.11 -1.17
N LYS A 162 19.68 3.27 -1.17
CA LYS A 162 18.46 3.47 -1.97
C LYS A 162 17.43 4.23 -1.15
N THR A 163 16.43 4.76 -1.84
CA THR A 163 15.24 5.37 -1.19
C THR A 163 13.99 4.81 -1.83
N GLY A 164 12.94 4.72 -1.02
CA GLY A 164 11.62 4.33 -1.51
C GLY A 164 10.78 3.69 -0.45
N THR A 165 9.58 3.36 -0.86
CA THR A 165 8.53 2.79 0.01
C THR A 165 7.99 1.52 -0.59
N MET A 166 7.82 0.50 0.26
CA MET A 166 7.20 -0.76 -0.14
C MET A 166 6.06 -1.04 0.85
N VAL A 167 4.87 -1.21 0.33
CA VAL A 167 3.70 -1.66 1.11
C VAL A 167 3.25 -2.97 0.52
N ARG A 168 3.14 -4.00 1.37
CA ARG A 168 2.55 -5.30 0.99
C ARG A 168 1.36 -5.54 1.91
N PHE A 169 0.21 -5.85 1.34
CA PHE A 169 -1.00 -6.02 2.16
C PHE A 169 -1.72 -7.29 1.78
N TRP A 170 -2.33 -7.86 2.82
CA TRP A 170 -3.17 -9.08 2.78
C TRP A 170 -4.57 -8.64 3.11
N PRO A 171 -5.45 -8.52 2.10
N PRO A 171 -5.50 -8.56 2.11
CA PRO A 171 -6.81 -8.03 2.33
CA PRO A 171 -6.83 -8.01 2.35
C PRO A 171 -7.54 -8.87 3.38
C PRO A 171 -7.58 -8.87 3.38
N SER A 172 -8.32 -8.19 4.23
CA SER A 172 -9.13 -8.85 5.27
C SER A 172 -10.33 -9.55 4.64
N LEU A 173 -10.47 -10.83 4.90
CA LEU A 173 -11.66 -11.55 4.44
C LEU A 173 -12.81 -11.38 5.44
N GLU A 174 -12.61 -10.61 6.52
CA GLU A 174 -13.75 -10.08 7.32
C GLU A 174 -14.43 -8.92 6.57
N THR A 175 -13.77 -8.34 5.59
CA THR A 175 -14.32 -7.21 4.79
C THR A 175 -14.67 -7.73 3.40
N PHE A 176 -13.71 -8.37 2.72
CA PHE A 176 -13.86 -8.71 1.28
C PHE A 176 -14.47 -10.09 1.16
N THR A 177 -15.56 -10.18 0.42
CA THR A 177 -16.28 -11.46 0.22
C THR A 177 -16.38 -11.76 -1.27
N ASN A 178 -16.62 -13.04 -1.59
CA ASN A 178 -16.94 -13.53 -2.95
C ASN A 178 -15.70 -13.42 -3.84
N VAL A 179 -15.40 -12.23 -4.36
CA VAL A 179 -14.17 -12.00 -5.15
C VAL A 179 -13.05 -11.64 -4.16
N THR A 180 -12.16 -12.60 -3.89
CA THR A 180 -11.06 -12.47 -2.91
C THR A 180 -9.70 -12.65 -3.56
N GLU A 181 -9.64 -13.12 -4.81
CA GLU A 181 -8.36 -13.35 -5.53
C GLU A 181 -8.20 -12.22 -6.55
N PHE A 182 -7.01 -11.64 -6.62
CA PHE A 182 -6.72 -10.53 -7.55
C PHE A 182 -6.76 -11.03 -8.99
N GLU A 183 -7.31 -10.17 -9.86
CA GLU A 183 -7.44 -10.39 -11.32
C GLU A 183 -6.31 -9.62 -11.99
N TYR A 184 -5.34 -10.36 -12.51
CA TYR A 184 -4.17 -9.78 -13.19
C TYR A 184 -4.63 -8.72 -14.20
N GLU A 185 -5.62 -9.05 -15.03
CA GLU A 185 -6.04 -8.16 -16.14
C GLU A 185 -6.59 -6.83 -15.62
N ILE A 186 -7.28 -6.84 -14.48
CA ILE A 186 -7.85 -5.61 -13.89
C ILE A 186 -6.68 -4.71 -13.49
N LEU A 187 -5.69 -5.26 -12.82
CA LEU A 187 -4.51 -4.47 -12.41
C LEU A 187 -3.74 -4.00 -13.66
N ALA A 188 -3.52 -4.89 -14.61
CA ALA A 188 -2.73 -4.56 -15.81
C ALA A 188 -3.38 -3.39 -16.56
N LYS A 189 -4.70 -3.41 -16.72
CA LYS A 189 -5.36 -2.31 -17.47
C LYS A 189 -5.13 -0.98 -16.77
N ARG A 190 -5.30 -0.91 -15.46
CA ARG A 190 -5.17 0.37 -14.75
C ARG A 190 -3.71 0.79 -14.78
N LEU A 191 -2.77 -0.11 -14.60
CA LEU A 191 -1.35 0.29 -14.57
C LEU A 191 -0.92 0.78 -15.95
N ARG A 192 -1.45 0.19 -17.02
CA ARG A 192 -1.14 0.71 -18.38
C ARG A 192 -1.68 2.14 -18.50
N GLU A 193 -2.89 2.39 -18.03
CA GLU A 193 -3.47 3.75 -18.05
C GLU A 193 -2.56 4.71 -17.31
N LEU A 194 -2.17 4.34 -16.09
CA LEU A 194 -1.35 5.23 -15.26
C LEU A 194 0.02 5.46 -15.91
N SER A 195 0.57 4.47 -16.59
CA SER A 195 1.89 4.66 -17.27
CA SER A 195 1.87 4.62 -17.30
C SER A 195 1.72 5.66 -18.43
N PHE A 196 0.63 5.60 -19.14
CA PHE A 196 0.36 6.53 -20.25
C PHE A 196 0.18 7.94 -19.66
N LEU A 197 -0.61 8.07 -18.61
CA LEU A 197 -0.99 9.39 -18.04
C LEU A 197 0.12 10.03 -17.20
N ASN A 198 1.14 9.25 -16.85
CA ASN A 198 2.32 9.71 -16.08
C ASN A 198 3.50 9.26 -16.90
N SER A 199 3.57 9.72 -18.14
CA SER A 199 4.60 9.23 -19.09
C SER A 199 5.92 9.59 -18.44
N GLY A 200 6.91 8.73 -18.59
CA GLY A 200 8.16 8.89 -17.83
C GLY A 200 8.25 7.88 -16.70
N VAL A 201 7.14 7.52 -16.00
CA VAL A 201 7.17 6.51 -14.92
C VAL A 201 7.24 5.13 -15.57
N SER A 202 8.04 4.26 -15.00
CA SER A 202 8.11 2.84 -15.39
C SER A 202 7.26 2.08 -14.37
N ILE A 203 6.29 1.30 -14.84
CA ILE A 203 5.49 0.45 -13.94
C ILE A 203 5.67 -1.00 -14.36
N ARG A 204 6.10 -1.83 -13.42
CA ARG A 204 6.20 -3.28 -13.64
C ARG A 204 5.07 -3.97 -12.86
N LEU A 205 4.47 -4.98 -13.47
CA LEU A 205 3.48 -5.84 -12.83
C LEU A 205 3.98 -7.27 -12.92
N ARG A 206 4.01 -7.94 -11.77
N ARG A 206 4.04 -7.92 -11.77
CA ARG A 206 4.55 -9.31 -11.68
CA ARG A 206 4.57 -9.30 -11.64
C ARG A 206 3.53 -10.18 -10.95
C ARG A 206 3.49 -10.15 -10.96
N ASP A 207 3.20 -11.33 -11.52
CA ASP A 207 2.28 -12.30 -10.88
C ASP A 207 3.10 -13.51 -10.42
N LYS A 208 3.38 -13.62 -9.13
CA LYS A 208 4.17 -14.76 -8.59
C LYS A 208 3.31 -16.03 -8.59
N ARG A 209 2.00 -15.93 -8.86
CA ARG A 209 1.13 -17.14 -8.84
C ARG A 209 1.41 -17.99 -10.08
N ASP A 210 1.73 -17.36 -11.21
CA ASP A 210 1.91 -18.10 -12.48
C ASP A 210 3.12 -17.61 -13.28
N GLY A 211 3.86 -16.60 -12.80
CA GLY A 211 5.08 -16.11 -13.45
C GLY A 211 4.85 -15.01 -14.50
N LYS A 212 3.60 -14.57 -14.74
CA LYS A 212 3.28 -13.49 -15.71
C LYS A 212 3.98 -12.21 -15.27
N GLU A 213 4.45 -11.42 -16.21
CA GLU A 213 5.07 -10.10 -15.98
C GLU A 213 4.73 -9.17 -17.14
N ASP A 214 4.54 -7.89 -16.84
CA ASP A 214 4.37 -6.81 -17.83
C ASP A 214 5.19 -5.61 -17.38
N HIS A 215 5.61 -4.82 -18.34
CA HIS A 215 6.36 -3.58 -18.08
C HIS A 215 5.71 -2.48 -18.92
N PHE A 216 5.19 -1.47 -18.27
CA PHE A 216 4.50 -0.31 -18.90
C PHE A 216 5.41 0.91 -18.75
N HIS A 217 5.78 1.52 -19.86
CA HIS A 217 6.69 2.68 -19.84
C HIS A 217 6.47 3.40 -21.17
N TYR A 218 5.77 4.51 -21.13
CA TYR A 218 5.43 5.24 -22.38
C TYR A 218 6.73 5.82 -22.95
#